data_3CHH
#
_entry.id   3CHH
#
_cell.length_a   58.143
_cell.length_b   77.188
_cell.length_c   140.405
_cell.angle_alpha   90.00
_cell.angle_beta   90.00
_cell.angle_gamma   90.00
#
_symmetry.space_group_name_H-M   'P 21 21 21'
#
loop_
_entity.id
_entity.type
_entity.pdbx_description
1 polymer 'p-Aminobenzoate N-Oxygenase'
2 non-polymer MU-OXO-DIIRON
3 water water
#
_entity_poly.entity_id   1
_entity_poly.type   'polypeptide(L)'
_entity_poly.pdbx_seq_one_letter_code
;MREEQPHLATTWAARGWVEEEGIGSATLGRLVRAWPRRAAVVNKADILDEWADYDTLVPDYPLEIVPFAEHPLFLAAEPH
QRQRVLTGMWIGYNERVIATEQLIAEPAFDLVMHGVFPGSDDPLIRKSVQQAIVDESFHTYMHMLAIDRTRELRKISERP
PQPELVTYRRLRRVLADMPEQWERDIAVLVWGAVAETCINALLALLARDATIQPMHSLITTLHLRDETAHGSIVVEVVRE
LYARMNEQQRRALVRCLPIALEAFAEQDLSALLLELNAAGIRGAEEIVGDLRSTAGGTRLVRDFSGARKMVEQLGLDDAV
DFDFPERPDWSPHTPR
;
_entity_poly.pdbx_strand_id   A,B
#
loop_
_chem_comp.id
_chem_comp.type
_chem_comp.name
_chem_comp.formula
FEO non-polymer MU-OXO-DIIRON 'Fe2 O'
#
# COMPACT_ATOMS: atom_id res chain seq x y z
N GLY A 24 -0.23 -26.63 -0.89
CA GLY A 24 0.68 -25.48 -1.16
C GLY A 24 1.94 -25.44 -0.30
N SER A 25 2.81 -24.49 -0.61
CA SER A 25 4.09 -24.33 0.07
C SER A 25 3.95 -24.24 1.60
N ALA A 26 4.67 -25.10 2.32
CA ALA A 26 4.64 -25.09 3.78
C ALA A 26 5.37 -23.86 4.32
N THR A 27 6.42 -23.46 3.61
CA THR A 27 7.14 -22.21 3.87
C THR A 27 6.17 -21.04 3.84
N LEU A 28 5.38 -20.94 2.76
CA LEU A 28 4.37 -19.88 2.65
C LEU A 28 3.31 -19.94 3.76
N GLY A 29 2.84 -21.15 4.08
CA GLY A 29 1.83 -21.33 5.11
C GLY A 29 2.37 -20.81 6.44
N ARG A 30 3.60 -21.22 6.74
CA ARG A 30 4.28 -20.79 7.94
C ARG A 30 4.56 -19.26 8.01
N LEU A 31 4.94 -18.67 6.89
CA LEU A 31 5.17 -17.24 6.82
C LEU A 31 3.88 -16.43 7.03
N VAL A 32 2.79 -16.87 6.39
CA VAL A 32 1.46 -16.27 6.53
C VAL A 32 0.97 -16.31 8.01
N ARG A 33 1.08 -17.47 8.64
CA ARG A 33 0.74 -17.64 10.05
C ARG A 33 1.59 -16.80 11.02
N ALA A 34 2.87 -16.61 10.70
CA ALA A 34 3.81 -15.90 11.59
C ALA A 34 3.70 -14.39 11.48
N TRP A 35 3.06 -13.91 10.42
CA TRP A 35 3.10 -12.48 10.08
C TRP A 35 2.68 -11.57 11.23
N PRO A 36 1.54 -11.85 11.91
CA PRO A 36 1.16 -11.03 13.07
C PRO A 36 2.20 -11.00 14.20
N ARG A 37 2.93 -12.10 14.41
CA ARG A 37 3.89 -12.12 15.51
C ARG A 37 5.20 -11.44 15.12
N ARG A 38 5.40 -11.28 13.81
CA ARG A 38 6.69 -10.83 13.26
C ARG A 38 6.70 -9.38 12.74
N ALA A 39 5.60 -8.95 12.11
CA ALA A 39 5.59 -7.69 11.37
C ALA A 39 5.87 -6.44 12.21
N ALA A 40 6.70 -5.53 11.66
CA ALA A 40 6.97 -4.23 12.28
C ALA A 40 5.70 -3.40 12.55
N VAL A 41 4.80 -3.36 11.58
CA VAL A 41 3.54 -2.57 11.71
C VAL A 41 2.70 -3.01 12.93
N VAL A 42 2.75 -4.31 13.23
CA VAL A 42 2.00 -4.86 14.37
C VAL A 42 2.73 -4.55 15.66
N ASN A 43 4.03 -4.77 15.66
CA ASN A 43 4.77 -4.80 16.90
C ASN A 43 5.48 -3.49 17.28
N LYS A 44 5.52 -2.52 16.36
CA LYS A 44 6.10 -1.22 16.67
C LYS A 44 5.46 -0.09 15.85
N ALA A 45 4.13 -0.10 15.78
CA ALA A 45 3.37 0.97 15.11
C ALA A 45 3.65 2.34 15.72
N ASP A 46 4.02 2.38 17.00
CA ASP A 46 4.28 3.64 17.70
C ASP A 46 5.70 4.19 17.54
N ILE A 47 6.30 3.95 16.38
CA ILE A 47 7.65 4.40 16.07
C ILE A 47 7.85 5.93 16.18
N LEU A 48 6.79 6.70 15.90
CA LEU A 48 6.85 8.16 16.02
C LEU A 48 7.35 8.62 17.40
N ASP A 49 6.86 7.97 18.45
CA ASP A 49 7.22 8.32 19.84
C ASP A 49 8.69 8.06 20.21
N GLU A 50 9.41 7.35 19.34
CA GLU A 50 10.80 6.97 19.60
C GLU A 50 11.77 8.15 19.60
N TRP A 51 11.34 9.27 19.05
CA TRP A 51 12.14 10.49 19.10
C TRP A 51 11.95 11.26 20.42
N ALA A 52 11.17 10.66 21.32
CA ALA A 52 10.77 11.29 22.59
C ALA A 52 11.81 12.19 23.25
N ASP A 53 12.93 11.62 23.69
CA ASP A 53 13.94 12.39 24.43
C ASP A 53 15.27 12.46 23.66
N TYR A 54 15.20 13.19 22.54
CA TYR A 54 16.27 13.26 21.54
C TYR A 54 17.58 13.80 22.10
N ASP A 55 18.69 13.21 21.63
CA ASP A 55 20.04 13.65 21.99
C ASP A 55 20.86 14.10 20.76
N THR A 56 20.90 15.42 20.53
CA THR A 56 21.64 16.01 19.40
C THR A 56 23.08 15.57 19.31
N LEU A 57 23.64 15.15 20.44
CA LEU A 57 25.07 14.85 20.49
C LEU A 57 25.46 13.52 19.84
N VAL A 58 24.47 12.73 19.48
CA VAL A 58 24.71 11.38 18.94
C VAL A 58 24.58 11.42 17.41
N PRO A 59 25.56 10.82 16.69
CA PRO A 59 25.58 10.87 15.23
C PRO A 59 24.41 10.18 14.55
N ASP A 60 24.14 10.55 13.31
CA ASP A 60 23.02 9.97 12.54
C ASP A 60 23.45 8.71 11.76
N TYR A 61 24.75 8.56 11.54
CA TYR A 61 25.28 7.54 10.63
C TYR A 61 26.65 7.12 11.14
N PRO A 62 27.01 5.83 10.99
CA PRO A 62 28.27 5.41 11.59
C PRO A 62 29.47 5.66 10.67
N LEU A 63 30.49 6.35 11.19
CA LEU A 63 31.68 6.66 10.40
C LEU A 63 32.35 5.38 9.89
N GLU A 64 32.30 4.31 10.71
CA GLU A 64 32.88 3.01 10.38
C GLU A 64 32.37 2.38 9.07
N ILE A 65 31.19 2.78 8.59
CA ILE A 65 30.70 2.22 7.34
C ILE A 65 30.76 3.23 6.18
N VAL A 66 31.38 4.38 6.45
CA VAL A 66 31.63 5.39 5.43
C VAL A 66 32.94 5.04 4.71
N PRO A 67 32.87 4.77 3.40
CA PRO A 67 34.03 4.31 2.57
C PRO A 67 35.23 5.30 2.52
N PHE A 68 34.95 6.59 2.64
CA PHE A 68 35.99 7.62 2.62
C PHE A 68 36.27 8.20 4.01
N ALA A 69 35.78 7.52 5.05
CA ALA A 69 35.96 7.95 6.44
C ALA A 69 37.39 8.36 6.78
N GLU A 70 38.38 7.65 6.23
CA GLU A 70 39.76 7.93 6.57
C GLU A 70 40.59 8.52 5.45
N HIS A 71 39.92 9.03 4.42
CA HIS A 71 40.60 9.79 3.37
C HIS A 71 41.08 11.11 3.96
N PRO A 72 42.37 11.42 3.77
CA PRO A 72 42.91 12.68 4.29
C PRO A 72 42.09 13.93 3.97
N LEU A 73 41.48 14.00 2.79
CA LEU A 73 40.65 15.15 2.43
C LEU A 73 39.34 15.26 3.22
N PHE A 74 38.83 14.10 3.68
CA PHE A 74 37.67 14.05 4.55
C PHE A 74 38.11 14.35 5.97
N LEU A 75 39.28 13.83 6.34
CA LEU A 75 39.84 14.13 7.65
C LEU A 75 40.28 15.60 7.77
N ALA A 76 40.65 16.22 6.65
CA ALA A 76 41.11 17.61 6.66
C ALA A 76 39.97 18.61 6.93
N ALA A 77 38.73 18.18 6.71
CA ALA A 77 37.53 18.99 6.96
C ALA A 77 37.34 19.28 8.44
N GLU A 78 36.40 20.18 8.73
CA GLU A 78 36.05 20.54 10.08
C GLU A 78 35.04 19.56 10.65
N PRO A 79 35.09 19.33 11.97
CA PRO A 79 34.17 18.36 12.56
C PRO A 79 32.71 18.51 12.13
N HIS A 80 32.19 19.74 12.08
CA HIS A 80 30.79 19.93 11.70
C HIS A 80 30.52 19.58 10.24
N GLN A 81 31.55 19.70 9.39
CA GLN A 81 31.37 19.33 8.00
C GLN A 81 31.24 17.81 7.87
N ARG A 82 32.07 17.07 8.60
CA ARG A 82 31.97 15.61 8.61
C ARG A 82 30.63 15.16 9.16
N GLN A 83 30.18 15.82 10.22
CA GLN A 83 28.84 15.55 10.75
C GLN A 83 27.71 15.82 9.73
N ARG A 84 27.82 16.88 8.95
CA ARG A 84 26.80 17.14 7.91
C ARG A 84 26.78 16.05 6.82
N VAL A 85 27.96 15.51 6.49
CA VAL A 85 28.05 14.39 5.53
C VAL A 85 27.36 13.15 6.10
N LEU A 86 27.62 12.84 7.37
CA LEU A 86 26.99 11.69 8.01
C LEU A 86 25.46 11.80 8.02
N THR A 87 24.96 12.95 8.47
CA THR A 87 23.53 13.25 8.42
C THR A 87 22.96 13.13 7.00
N GLY A 88 23.68 13.68 6.01
CA GLY A 88 23.29 13.62 4.62
C GLY A 88 23.19 12.18 4.13
N MET A 89 24.17 11.35 4.51
CA MET A 89 24.18 9.95 4.09
C MET A 89 23.04 9.15 4.71
N TRP A 90 22.69 9.48 5.97
CA TRP A 90 21.50 8.92 6.61
C TRP A 90 20.21 9.31 5.88
N ILE A 91 20.03 10.60 5.63
CA ILE A 91 18.84 11.05 4.87
C ILE A 91 18.80 10.40 3.48
N GLY A 92 19.96 10.37 2.79
CA GLY A 92 20.04 9.79 1.44
C GLY A 92 19.66 8.31 1.42
N TYR A 93 20.15 7.58 2.42
CA TYR A 93 19.83 6.17 2.53
C TYR A 93 18.29 5.96 2.65
N ASN A 94 17.64 6.78 3.48
CA ASN A 94 16.18 6.70 3.65
C ASN A 94 15.43 7.06 2.38
N GLU A 95 15.92 8.06 1.66
CA GLU A 95 15.32 8.47 0.38
C GLU A 95 15.35 7.30 -0.64
N ARG A 96 16.47 6.61 -0.71
CA ARG A 96 16.66 5.52 -1.65
C ARG A 96 15.78 4.31 -1.28
N VAL A 97 15.69 4.01 0.02
CA VAL A 97 14.77 2.96 0.50
C VAL A 97 13.33 3.23 0.03
N ILE A 98 12.86 4.45 0.25
CA ILE A 98 11.48 4.80 -0.12
C ILE A 98 11.28 4.69 -1.65
N ALA A 99 12.22 5.22 -2.43
CA ALA A 99 12.16 5.10 -3.91
C ALA A 99 12.16 3.64 -4.37
N THR A 100 13.00 2.81 -3.77
CA THR A 100 13.03 1.37 -4.07
C THR A 100 11.68 0.68 -3.80
N GLU A 101 11.11 0.92 -2.61
CA GLU A 101 9.80 0.38 -2.26
C GLU A 101 8.75 0.81 -3.24
N GLN A 102 8.72 2.11 -3.53
CA GLN A 102 7.64 2.70 -4.31
C GLN A 102 7.75 2.37 -5.77
N LEU A 103 8.98 2.31 -6.28
CA LEU A 103 9.21 2.24 -7.74
C LEU A 103 9.53 0.82 -8.22
N ILE A 104 9.97 -0.02 -7.30
CA ILE A 104 10.48 -1.34 -7.67
C ILE A 104 9.79 -2.49 -6.95
N ALA A 105 9.80 -2.50 -5.61
CA ALA A 105 9.29 -3.63 -4.83
C ALA A 105 7.75 -3.72 -4.86
N GLU A 106 7.06 -2.66 -4.46
CA GLU A 106 5.61 -2.65 -4.46
C GLU A 106 4.96 -2.89 -5.86
N PRO A 107 5.45 -2.24 -6.94
CA PRO A 107 4.89 -2.62 -8.26
C PRO A 107 5.00 -4.12 -8.63
N ALA A 108 6.06 -4.81 -8.22
CA ALA A 108 6.13 -6.27 -8.43
C ALA A 108 5.07 -7.01 -7.61
N PHE A 109 4.97 -6.68 -6.33
CA PHE A 109 3.90 -7.24 -5.47
C PHE A 109 2.51 -6.95 -6.02
N ASP A 110 2.30 -5.72 -6.48
CA ASP A 110 1.02 -5.32 -7.09
C ASP A 110 0.65 -6.14 -8.32
N LEU A 111 1.65 -6.48 -9.15
CA LEU A 111 1.40 -7.30 -10.34
C LEU A 111 0.89 -8.69 -9.98
N VAL A 112 1.49 -9.29 -8.97
CA VAL A 112 1.07 -10.61 -8.47
C VAL A 112 -0.40 -10.56 -8.01
N MET A 113 -0.75 -9.53 -7.26
CA MET A 113 -2.12 -9.35 -6.73
C MET A 113 -3.13 -9.10 -7.84
N HIS A 114 -2.67 -8.49 -8.91
CA HIS A 114 -3.52 -8.22 -10.07
C HIS A 114 -3.86 -9.46 -10.91
N GLY A 115 -3.18 -10.57 -10.65
CA GLY A 115 -3.48 -11.86 -11.28
C GLY A 115 -2.97 -11.97 -12.72
N VAL A 116 -1.96 -11.15 -13.04
CA VAL A 116 -1.42 -11.07 -14.39
C VAL A 116 -0.57 -12.29 -14.80
N PHE A 117 -0.13 -13.08 -13.82
CA PHE A 117 0.66 -14.29 -14.05
C PHE A 117 -0.16 -15.55 -13.70
N PRO A 118 -0.03 -16.61 -14.52
CA PRO A 118 -0.73 -17.86 -14.20
C PRO A 118 -0.30 -18.43 -12.84
N GLY A 119 -1.28 -18.81 -12.02
CA GLY A 119 -1.02 -19.36 -10.69
C GLY A 119 -1.08 -18.32 -9.58
N SER A 120 -1.10 -17.04 -9.95
CA SER A 120 -1.12 -15.97 -8.95
C SER A 120 -2.49 -15.78 -8.28
N ASP A 121 -3.53 -16.48 -8.75
CA ASP A 121 -4.85 -16.40 -8.10
C ASP A 121 -5.02 -17.33 -6.87
N ASP A 122 -3.92 -17.97 -6.47
CA ASP A 122 -3.88 -18.89 -5.34
C ASP A 122 -4.01 -18.12 -4.02
N PRO A 123 -4.98 -18.53 -3.17
CA PRO A 123 -5.19 -17.87 -1.87
C PRO A 123 -3.91 -17.68 -1.02
N LEU A 124 -3.03 -18.67 -0.98
CA LEU A 124 -1.80 -18.58 -0.18
C LEU A 124 -0.77 -17.57 -0.71
N ILE A 125 -0.58 -17.58 -2.02
CA ILE A 125 0.25 -16.56 -2.67
C ILE A 125 -0.35 -15.18 -2.37
N ARG A 126 -1.65 -15.04 -2.57
CA ARG A 126 -2.32 -13.75 -2.32
C ARG A 126 -2.20 -13.27 -0.86
N LYS A 127 -2.33 -14.17 0.09
CA LYS A 127 -2.17 -13.77 1.50
C LYS A 127 -0.75 -13.32 1.79
N SER A 128 0.24 -14.08 1.32
CA SER A 128 1.62 -13.77 1.67
C SER A 128 2.05 -12.45 1.05
N VAL A 129 1.64 -12.22 -0.20
CA VAL A 129 2.05 -10.99 -0.90
C VAL A 129 1.30 -9.75 -0.38
N GLN A 130 0.01 -9.89 -0.07
CA GLN A 130 -0.74 -8.73 0.49
C GLN A 130 -0.19 -8.32 1.86
N GLN A 131 0.15 -9.30 2.70
CA GLN A 131 0.86 -9.01 3.95
C GLN A 131 2.15 -8.22 3.68
N ALA A 132 2.95 -8.66 2.72
CA ALA A 132 4.17 -7.96 2.31
C ALA A 132 3.86 -6.53 1.85
N ILE A 133 2.73 -6.33 1.18
CA ILE A 133 2.33 -4.99 0.71
C ILE A 133 2.00 -4.07 1.88
N VAL A 134 1.34 -4.62 2.91
CA VAL A 134 1.10 -3.88 4.15
C VAL A 134 2.45 -3.50 4.78
N ASP A 135 3.38 -4.46 4.84
CA ASP A 135 4.73 -4.21 5.39
C ASP A 135 5.42 -3.07 4.63
N GLU A 136 5.43 -3.12 3.29
CA GLU A 136 6.10 -2.06 2.49
C GLU A 136 5.49 -0.69 2.74
N SER A 137 4.17 -0.61 2.90
CA SER A 137 3.50 0.65 3.29
C SER A 137 4.02 1.23 4.60
N PHE A 138 4.20 0.36 5.58
CA PHE A 138 4.70 0.77 6.87
C PHE A 138 6.20 1.10 6.80
N HIS A 139 6.95 0.34 6.01
CA HIS A 139 8.37 0.71 5.79
C HIS A 139 8.51 2.12 5.25
N THR A 140 7.72 2.45 4.24
CA THR A 140 7.69 3.78 3.68
C THR A 140 7.36 4.80 4.79
N TYR A 141 6.36 4.49 5.60
CA TYR A 141 6.02 5.34 6.77
C TYR A 141 7.20 5.57 7.72
N MET A 142 7.87 4.50 8.15
CA MET A 142 9.01 4.61 9.07
C MET A 142 10.14 5.47 8.51
N HIS A 143 10.54 5.19 7.25
CA HIS A 143 11.64 5.92 6.58
C HIS A 143 11.31 7.39 6.28
N MET A 144 10.04 7.65 5.99
CA MET A 144 9.54 9.00 5.80
C MET A 144 9.62 9.79 7.11
N LEU A 145 9.18 9.16 8.21
CA LEU A 145 9.33 9.72 9.56
C LEU A 145 10.80 10.02 9.87
N ALA A 146 11.68 9.09 9.57
CA ALA A 146 13.13 9.27 9.84
C ALA A 146 13.69 10.52 9.16
N ILE A 147 13.31 10.74 7.91
CA ILE A 147 13.74 11.91 7.13
C ILE A 147 13.19 13.18 7.74
N ASP A 148 11.89 13.21 8.01
CA ASP A 148 11.26 14.43 8.52
C ASP A 148 11.81 14.81 9.90
N ARG A 149 11.95 13.83 10.78
CA ARG A 149 12.47 14.11 12.13
C ARG A 149 13.92 14.57 12.07
N THR A 150 14.71 13.95 11.19
CA THR A 150 16.12 14.30 11.09
C THR A 150 16.26 15.73 10.57
N ARG A 151 15.51 16.06 9.52
CA ARG A 151 15.58 17.36 8.89
C ARG A 151 15.17 18.46 9.85
N GLU A 152 14.11 18.23 10.63
CA GLU A 152 13.70 19.20 11.63
C GLU A 152 14.75 19.38 12.74
N LEU A 153 15.19 18.27 13.33
CA LEU A 153 16.12 18.29 14.47
C LEU A 153 17.55 18.73 14.14
N ARG A 154 18.00 18.41 12.93
CA ARG A 154 19.29 18.88 12.42
C ARG A 154 19.20 20.26 11.77
N LYS A 155 17.99 20.83 11.69
CA LYS A 155 17.73 22.13 11.07
C LYS A 155 18.21 22.18 9.62
N ILE A 156 17.87 21.14 8.86
CA ILE A 156 18.19 21.05 7.45
C ILE A 156 16.98 21.61 6.72
N SER A 157 17.10 22.87 6.33
CA SER A 157 16.02 23.59 5.67
C SER A 157 15.85 23.13 4.23
N GLU A 158 16.96 23.07 3.50
CA GLU A 158 16.91 22.69 2.08
C GLU A 158 17.94 21.65 1.70
N ARG A 159 17.64 20.91 0.63
CA ARG A 159 18.47 19.78 0.21
C ARG A 159 18.21 19.45 -1.27
N PRO A 160 19.28 19.41 -2.08
CA PRO A 160 19.22 19.19 -3.54
C PRO A 160 18.37 17.99 -3.94
N PRO A 161 17.47 18.18 -4.94
CA PRO A 161 16.63 17.08 -5.43
C PRO A 161 17.50 15.97 -6.01
N GLN A 162 17.51 14.84 -5.31
CA GLN A 162 18.53 13.81 -5.49
C GLN A 162 18.39 12.99 -6.79
N PRO A 163 19.48 12.31 -7.20
CA PRO A 163 19.44 11.66 -8.51
C PRO A 163 18.54 10.43 -8.54
N GLU A 164 18.10 10.06 -9.74
CA GLU A 164 17.34 8.83 -9.99
C GLU A 164 18.14 7.61 -9.52
N LEU A 165 17.45 6.61 -8.94
CA LEU A 165 18.11 5.36 -8.61
C LEU A 165 18.73 4.71 -9.82
N VAL A 166 20.00 4.33 -9.71
CA VAL A 166 20.65 3.56 -10.76
C VAL A 166 19.86 2.27 -11.08
N THR A 167 19.28 1.65 -10.05
CA THR A 167 18.48 0.44 -10.29
C THR A 167 17.22 0.74 -11.11
N TYR A 168 16.56 1.85 -10.83
CA TYR A 168 15.34 2.23 -11.54
C TYR A 168 15.65 2.72 -12.95
N ARG A 169 16.76 3.44 -13.12
CA ARG A 169 17.22 3.86 -14.45
C ARG A 169 17.43 2.67 -15.37
N ARG A 170 18.04 1.62 -14.83
CA ARG A 170 18.25 0.40 -15.61
C ARG A 170 16.90 -0.23 -15.97
N LEU A 171 15.99 -0.33 -15.00
CA LEU A 171 14.65 -0.89 -15.24
C LEU A 171 13.91 -0.17 -16.36
N ARG A 172 13.84 1.15 -16.26
CA ARG A 172 13.09 1.93 -17.23
C ARG A 172 13.66 1.83 -18.64
N ARG A 173 14.97 1.68 -18.73
CA ARG A 173 15.64 1.53 -20.03
C ARG A 173 15.36 0.16 -20.66
N VAL A 174 15.29 -0.88 -19.81
CA VAL A 174 14.92 -2.22 -20.27
C VAL A 174 13.49 -2.19 -20.82
N LEU A 175 12.59 -1.54 -20.09
CA LEU A 175 11.17 -1.52 -20.42
C LEU A 175 10.82 -0.66 -21.64
N ALA A 176 11.66 0.36 -21.91
CA ALA A 176 11.34 1.45 -22.85
C ALA A 176 10.90 1.03 -24.23
N ASP A 177 11.60 0.05 -24.81
CA ASP A 177 11.29 -0.41 -26.17
C ASP A 177 10.75 -1.83 -26.19
N MET A 178 10.16 -2.26 -25.08
CA MET A 178 9.49 -3.57 -25.01
C MET A 178 8.05 -3.53 -25.50
N PRO A 179 7.81 -4.14 -26.67
CA PRO A 179 6.52 -4.15 -27.34
C PRO A 179 5.35 -4.67 -26.52
N GLU A 180 5.57 -5.78 -25.79
CA GLU A 180 4.46 -6.54 -25.21
C GLU A 180 4.34 -6.36 -23.70
N GLN A 181 3.12 -6.13 -23.26
CA GLN A 181 2.85 -5.99 -21.85
C GLN A 181 3.28 -7.22 -21.08
N TRP A 182 3.04 -8.41 -21.62
CA TRP A 182 3.39 -9.64 -20.88
C TRP A 182 4.87 -9.68 -20.52
N GLU A 183 5.72 -9.19 -21.42
CA GLU A 183 7.16 -9.15 -21.16
C GLU A 183 7.57 -8.06 -20.19
N ARG A 184 6.94 -6.88 -20.30
CA ARG A 184 7.14 -5.82 -19.30
C ARG A 184 6.75 -6.28 -17.88
N ASP A 185 5.66 -7.04 -17.76
CA ASP A 185 5.25 -7.63 -16.49
C ASP A 185 6.32 -8.55 -15.91
N ILE A 186 6.93 -9.39 -16.74
CA ILE A 186 8.04 -10.24 -16.31
C ILE A 186 9.20 -9.39 -15.78
N ALA A 187 9.63 -8.39 -16.55
CA ALA A 187 10.73 -7.51 -16.12
C ALA A 187 10.46 -6.85 -14.77
N VAL A 188 9.25 -6.33 -14.60
CA VAL A 188 8.86 -5.69 -13.33
C VAL A 188 8.91 -6.68 -12.16
N LEU A 189 8.35 -7.87 -12.36
CA LEU A 189 8.40 -8.97 -11.38
C LEU A 189 9.85 -9.32 -10.99
N VAL A 190 10.70 -9.56 -11.99
CA VAL A 190 12.10 -9.91 -11.74
C VAL A 190 12.88 -8.80 -11.02
N TRP A 191 12.67 -7.54 -11.40
CA TRP A 191 13.34 -6.43 -10.72
C TRP A 191 12.92 -6.34 -9.25
N GLY A 192 11.62 -6.48 -9.02
CA GLY A 192 11.10 -6.53 -7.65
C GLY A 192 11.61 -7.72 -6.85
N ALA A 193 11.67 -8.88 -7.51
CA ALA A 193 12.15 -10.10 -6.86
C ALA A 193 13.61 -9.96 -6.44
N VAL A 194 14.44 -9.40 -7.32
CA VAL A 194 15.84 -9.20 -6.99
C VAL A 194 16.02 -8.19 -5.84
N ALA A 195 15.29 -7.09 -5.91
CA ALA A 195 15.31 -6.09 -4.84
C ALA A 195 14.98 -6.68 -3.46
N GLU A 196 14.07 -7.66 -3.44
CA GLU A 196 13.55 -8.20 -2.19
C GLU A 196 14.36 -9.38 -1.66
N THR A 197 15.23 -9.94 -2.51
CA THR A 197 16.06 -11.06 -2.11
C THR A 197 17.55 -10.70 -1.99
N CYS A 198 17.90 -9.45 -2.33
CA CYS A 198 19.30 -8.99 -2.27
C CYS A 198 19.41 -7.83 -1.27
N ILE A 199 19.77 -8.17 -0.03
CA ILE A 199 19.68 -7.26 1.10
C ILE A 199 20.82 -6.23 1.08
N ASN A 200 20.43 -4.95 1.10
CA ASN A 200 21.37 -3.83 1.15
C ASN A 200 22.26 -4.00 2.36
N ALA A 201 23.56 -3.86 2.16
CA ALA A 201 24.54 -3.93 3.26
C ALA A 201 24.23 -2.87 4.32
N LEU A 202 23.78 -1.69 3.88
CA LEU A 202 23.47 -0.59 4.82
C LEU A 202 22.31 -0.95 5.73
N LEU A 203 21.33 -1.68 5.21
CA LEU A 203 20.19 -2.12 6.07
C LEU A 203 20.70 -2.91 7.28
N ALA A 204 21.54 -3.90 7.02
CA ALA A 204 22.02 -4.79 8.06
C ALA A 204 23.07 -4.11 8.90
N LEU A 205 23.92 -3.27 8.29
CA LEU A 205 24.96 -2.63 9.08
C LEU A 205 24.41 -1.55 9.99
N LEU A 206 23.44 -0.79 9.50
CA LEU A 206 22.77 0.22 10.32
C LEU A 206 21.97 -0.43 11.47
N ALA A 207 21.34 -1.56 11.18
CA ALA A 207 20.50 -2.29 12.15
C ALA A 207 21.24 -2.63 13.43
N ARG A 208 22.48 -3.08 13.29
CA ARG A 208 23.26 -3.54 14.42
C ARG A 208 24.08 -2.45 15.12
N ASP A 209 24.03 -1.22 14.63
CA ASP A 209 25.01 -0.19 15.06
C ASP A 209 24.62 0.51 16.37
N ALA A 210 25.51 0.45 17.35
CA ALA A 210 25.23 1.02 18.68
C ALA A 210 25.72 2.46 18.83
N THR A 211 26.41 2.96 17.81
CA THR A 211 27.02 4.30 17.90
C THR A 211 26.09 5.43 17.49
N ILE A 212 25.01 5.09 16.77
CA ILE A 212 24.15 6.08 16.14
C ILE A 212 22.83 6.27 16.91
N GLN A 213 22.05 7.27 16.49
CA GLN A 213 20.70 7.47 17.04
C GLN A 213 19.97 6.13 17.16
N PRO A 214 19.46 5.80 18.37
CA PRO A 214 18.80 4.51 18.59
C PRO A 214 17.57 4.30 17.69
N MET A 215 16.89 5.37 17.32
CA MET A 215 15.76 5.21 16.39
C MET A 215 16.19 4.80 14.97
N HIS A 216 17.44 5.09 14.61
CA HIS A 216 17.99 4.77 13.27
C HIS A 216 18.31 3.28 13.17
N SER A 217 19.04 2.78 14.17
CA SER A 217 19.24 1.35 14.43
C SER A 217 17.92 0.56 14.54
N LEU A 218 16.93 1.15 15.23
CA LEU A 218 15.64 0.46 15.45
C LEU A 218 14.83 0.33 14.16
N ILE A 219 14.67 1.43 13.44
CA ILE A 219 13.93 1.38 12.17
C ILE A 219 14.54 0.37 11.22
N THR A 220 15.86 0.35 11.12
CA THR A 220 16.50 -0.61 10.21
C THR A 220 16.42 -2.06 10.71
N THR A 221 16.48 -2.23 12.03
CA THR A 221 16.26 -3.56 12.64
C THR A 221 14.86 -4.12 12.29
N LEU A 222 13.85 -3.28 12.44
CA LEU A 222 12.48 -3.64 12.11
C LEU A 222 12.30 -4.01 10.64
N HIS A 223 12.86 -3.19 9.74
CA HIS A 223 12.79 -3.41 8.30
C HIS A 223 13.49 -4.73 7.93
N LEU A 224 14.68 -4.93 8.48
CA LEU A 224 15.45 -6.15 8.24
C LEU A 224 14.68 -7.43 8.65
N ARG A 225 14.00 -7.38 9.80
CA ARG A 225 13.23 -8.53 10.26
C ARG A 225 12.16 -8.87 9.21
N ASP A 226 11.48 -7.83 8.70
CA ASP A 226 10.43 -8.03 7.69
C ASP A 226 11.03 -8.47 6.35
N GLU A 227 12.15 -7.85 5.94
CA GLU A 227 12.79 -8.17 4.67
C GLU A 227 13.29 -9.61 4.61
N THR A 228 13.75 -10.15 5.73
CA THR A 228 14.18 -11.54 5.75
C THR A 228 13.00 -12.44 5.36
N ALA A 229 11.81 -12.15 5.91
CA ALA A 229 10.59 -12.88 5.52
C ALA A 229 10.22 -12.61 4.04
N HIS A 230 10.35 -11.36 3.59
CA HIS A 230 10.00 -11.06 2.21
C HIS A 230 10.81 -11.86 1.20
N GLY A 231 12.11 -12.00 1.46
CA GLY A 231 12.98 -12.82 0.60
C GLY A 231 12.52 -14.26 0.48
N SER A 232 12.14 -14.87 1.61
CA SER A 232 11.60 -16.24 1.60
C SER A 232 10.27 -16.33 0.82
N ILE A 233 9.38 -15.35 1.01
CA ILE A 233 8.13 -15.27 0.26
C ILE A 233 8.37 -15.19 -1.25
N VAL A 234 9.27 -14.30 -1.66
CA VAL A 234 9.57 -14.10 -3.06
C VAL A 234 10.13 -15.38 -3.71
N VAL A 235 11.06 -16.06 -3.04
CA VAL A 235 11.57 -17.36 -3.50
C VAL A 235 10.41 -18.34 -3.77
N GLU A 236 9.51 -18.52 -2.79
CA GLU A 236 8.34 -19.38 -3.01
C GLU A 236 7.42 -18.95 -4.15
N VAL A 237 7.10 -17.66 -4.19
CA VAL A 237 6.13 -17.15 -5.15
C VAL A 237 6.70 -17.22 -6.57
N VAL A 238 7.94 -16.79 -6.74
CA VAL A 238 8.57 -16.85 -8.06
C VAL A 238 8.66 -18.29 -8.56
N ARG A 239 9.01 -19.25 -7.69
CA ARG A 239 9.01 -20.66 -8.10
C ARG A 239 7.65 -21.11 -8.63
N GLU A 240 6.60 -20.79 -7.88
CA GLU A 240 5.26 -21.23 -8.24
C GLU A 240 4.77 -20.60 -9.54
N LEU A 241 5.09 -19.32 -9.76
CA LEU A 241 4.67 -18.64 -10.99
C LEU A 241 5.47 -19.11 -12.22
N TYR A 242 6.80 -19.24 -12.08
CA TYR A 242 7.65 -19.74 -13.18
C TYR A 242 7.18 -21.12 -13.65
N ALA A 243 6.79 -21.97 -12.69
CA ALA A 243 6.31 -23.33 -12.99
C ALA A 243 5.08 -23.33 -13.88
N ARG A 244 4.24 -22.30 -13.73
CA ARG A 244 2.99 -22.17 -14.46
C ARG A 244 3.10 -21.35 -15.76
N MET A 245 4.20 -20.62 -15.90
CA MET A 245 4.48 -19.81 -17.09
C MET A 245 4.66 -20.67 -18.34
N ASN A 246 4.32 -20.13 -19.52
CA ASN A 246 4.67 -20.83 -20.75
C ASN A 246 6.13 -20.59 -21.14
N GLU A 247 6.63 -21.30 -22.15
CA GLU A 247 8.06 -21.25 -22.49
C GLU A 247 8.58 -19.85 -22.74
N GLN A 248 7.85 -19.03 -23.49
CA GLN A 248 8.35 -17.67 -23.77
C GLN A 248 8.34 -16.76 -22.54
N GLN A 249 7.39 -16.97 -21.64
CA GLN A 249 7.41 -16.30 -20.33
C GLN A 249 8.62 -16.74 -19.51
N ARG A 250 8.83 -18.06 -19.43
CA ARG A 250 9.99 -18.65 -18.76
C ARG A 250 11.31 -18.14 -19.34
N ARG A 251 11.43 -18.21 -20.67
CA ARG A 251 12.61 -17.67 -21.37
C ARG A 251 12.86 -16.20 -21.00
N ALA A 252 11.80 -15.40 -21.02
CA ALA A 252 11.93 -13.97 -20.70
C ALA A 252 12.42 -13.78 -19.27
N LEU A 253 11.86 -14.54 -18.32
CA LEU A 253 12.29 -14.45 -16.91
C LEU A 253 13.79 -14.72 -16.83
N VAL A 254 14.24 -15.78 -17.50
CA VAL A 254 15.64 -16.18 -17.49
C VAL A 254 16.59 -15.10 -18.02
N ARG A 255 16.25 -14.49 -19.16
CA ARG A 255 17.08 -13.43 -19.75
C ARG A 255 17.18 -12.23 -18.82
N CYS A 256 16.07 -11.90 -18.17
CA CYS A 256 15.99 -10.69 -17.36
C CYS A 256 16.75 -10.79 -16.03
N LEU A 257 16.83 -12.00 -15.47
CA LEU A 257 17.53 -12.19 -14.18
C LEU A 257 18.95 -11.59 -14.14
N PRO A 258 19.85 -12.00 -15.06
CA PRO A 258 21.20 -11.44 -14.98
C PRO A 258 21.25 -9.92 -15.17
N ILE A 259 20.33 -9.37 -15.96
CA ILE A 259 20.25 -7.92 -16.14
C ILE A 259 19.86 -7.23 -14.84
N ALA A 260 18.83 -7.76 -14.14
CA ALA A 260 18.42 -7.22 -12.84
C ALA A 260 19.54 -7.38 -11.80
N LEU A 261 20.19 -8.55 -11.78
CA LEU A 261 21.24 -8.82 -10.82
C LEU A 261 22.40 -7.84 -10.98
N GLU A 262 22.82 -7.60 -12.21
CA GLU A 262 23.90 -6.65 -12.49
C GLU A 262 23.52 -5.20 -12.11
N ALA A 263 22.25 -4.83 -12.32
CA ALA A 263 21.75 -3.51 -11.87
C ALA A 263 21.86 -3.31 -10.34
N PHE A 264 21.49 -4.32 -9.57
CA PHE A 264 21.64 -4.27 -8.12
C PHE A 264 23.11 -4.44 -7.62
N ALA A 265 23.99 -4.99 -8.46
CA ALA A 265 25.42 -5.11 -8.10
C ALA A 265 26.19 -3.82 -8.39
N GLU A 266 25.60 -2.96 -9.20
CA GLU A 266 26.32 -1.81 -9.71
C GLU A 266 26.33 -0.65 -8.69
N GLN A 267 27.53 -0.20 -8.35
CA GLN A 267 27.68 0.91 -7.43
C GLN A 267 27.68 2.20 -8.24
N ASP A 268 26.90 3.18 -7.79
CA ASP A 268 26.87 4.49 -8.42
C ASP A 268 27.05 5.52 -7.31
N LEU A 269 28.25 6.11 -7.26
CA LEU A 269 28.58 7.02 -6.16
C LEU A 269 28.38 8.50 -6.49
N SER A 270 27.35 8.76 -7.29
CA SER A 270 26.84 10.10 -7.55
C SER A 270 26.27 10.75 -6.30
N ALA A 271 25.65 9.94 -5.44
CA ALA A 271 25.05 10.42 -4.20
C ALA A 271 26.11 10.87 -3.19
N LEU A 272 27.23 10.15 -3.15
CA LEU A 272 28.34 10.51 -2.28
C LEU A 272 28.92 11.85 -2.65
N LEU A 273 29.10 12.07 -3.95
CA LEU A 273 29.64 13.33 -4.46
C LEU A 273 28.78 14.52 -4.04
N LEU A 274 27.47 14.40 -4.24
CA LEU A 274 26.51 15.44 -3.88
C LEU A 274 26.53 15.73 -2.38
N GLU A 275 26.62 14.69 -1.56
CA GLU A 275 26.68 14.87 -0.11
C GLU A 275 27.93 15.63 0.30
N LEU A 276 29.06 15.22 -0.27
CA LEU A 276 30.35 15.80 0.05
C LEU A 276 30.42 17.26 -0.38
N ASN A 277 29.99 17.54 -1.61
CA ASN A 277 29.87 18.91 -2.11
C ASN A 277 28.91 19.73 -1.25
N ALA A 278 27.79 19.13 -0.85
CA ALA A 278 26.85 19.82 0.02
C ALA A 278 27.55 20.30 1.31
N ALA A 279 28.18 19.37 2.01
CA ALA A 279 28.92 19.66 3.25
C ALA A 279 30.09 20.63 3.09
N GLY A 280 30.49 20.90 1.85
CA GLY A 280 31.54 21.86 1.57
C GLY A 280 32.94 21.29 1.73
N ILE A 281 33.05 19.96 1.65
CA ILE A 281 34.33 19.28 1.76
C ILE A 281 35.16 19.55 0.49
N ARG A 282 36.36 20.10 0.66
CA ARG A 282 37.28 20.34 -0.46
C ARG A 282 37.84 19.04 -1.02
N GLY A 283 37.90 18.94 -2.34
CA GLY A 283 38.38 17.73 -3.00
C GLY A 283 37.36 16.61 -3.04
N ALA A 284 36.08 16.97 -3.04
CA ALA A 284 34.97 16.00 -3.12
C ALA A 284 35.11 15.09 -4.35
N GLU A 285 35.40 15.71 -5.50
CA GLU A 285 35.65 14.97 -6.74
C GLU A 285 36.85 14.02 -6.58
N GLU A 286 37.91 14.51 -5.97
CA GLU A 286 39.08 13.68 -5.67
C GLU A 286 38.74 12.48 -4.80
N ILE A 287 38.01 12.71 -3.70
CA ILE A 287 37.63 11.65 -2.76
C ILE A 287 36.75 10.60 -3.43
N VAL A 288 35.77 11.07 -4.22
CA VAL A 288 34.85 10.18 -4.91
C VAL A 288 35.57 9.47 -6.06
N GLY A 289 36.32 10.22 -6.86
CA GLY A 289 37.09 9.66 -7.95
C GLY A 289 38.16 8.70 -7.43
N ASP A 290 38.45 8.82 -6.14
CA ASP A 290 39.45 7.98 -5.49
C ASP A 290 38.87 6.60 -5.24
N LEU A 291 37.61 6.56 -4.84
CA LEU A 291 36.94 5.29 -4.59
C LEU A 291 36.75 4.52 -5.91
N ARG A 299 32.28 -5.82 4.05
CA ARG A 299 32.22 -4.94 2.88
C ARG A 299 30.85 -4.27 2.73
N LEU A 300 30.69 -3.47 1.68
CA LEU A 300 29.40 -2.82 1.38
C LEU A 300 28.65 -3.44 0.20
N VAL A 301 29.04 -4.66 -0.19
CA VAL A 301 28.29 -5.42 -1.18
C VAL A 301 26.94 -5.91 -0.59
N ARG A 302 25.90 -5.92 -1.42
CA ARG A 302 24.62 -6.53 -1.08
C ARG A 302 24.81 -8.01 -0.75
N ASP A 303 23.94 -8.54 0.10
CA ASP A 303 23.95 -9.99 0.32
C ASP A 303 23.06 -10.62 -0.73
N PHE A 304 23.67 -11.33 -1.67
CA PHE A 304 22.94 -11.95 -2.77
C PHE A 304 22.48 -13.38 -2.48
N SER A 305 22.54 -13.78 -1.21
CA SER A 305 22.18 -15.15 -0.81
C SER A 305 20.77 -15.55 -1.24
N GLY A 306 19.82 -14.66 -1.00
CA GLY A 306 18.41 -14.87 -1.30
C GLY A 306 18.17 -15.11 -2.77
N ALA A 307 18.77 -14.26 -3.61
CA ALA A 307 18.61 -14.38 -5.06
C ALA A 307 19.28 -15.65 -5.60
N ARG A 308 20.36 -16.08 -4.95
CA ARG A 308 21.00 -17.34 -5.31
C ARG A 308 20.08 -18.53 -4.99
N LYS A 309 19.43 -18.48 -3.83
CA LYS A 309 18.42 -19.47 -3.48
C LYS A 309 17.26 -19.45 -4.47
N MET A 310 16.86 -18.25 -4.89
CA MET A 310 15.81 -18.09 -5.90
C MET A 310 16.17 -18.80 -7.20
N VAL A 311 17.41 -18.57 -7.66
CA VAL A 311 17.92 -19.17 -8.89
C VAL A 311 17.93 -20.71 -8.78
N GLU A 312 18.40 -21.20 -7.63
CA GLU A 312 18.39 -22.64 -7.29
C GLU A 312 16.98 -23.22 -7.36
N GLN A 313 16.05 -22.63 -6.62
CA GLN A 313 14.64 -23.07 -6.66
C GLN A 313 14.00 -23.05 -8.07
N LEU A 314 14.56 -22.27 -8.99
CA LEU A 314 14.06 -22.24 -10.38
C LEU A 314 14.77 -23.27 -11.26
N GLY A 315 15.77 -23.95 -10.71
CA GLY A 315 16.60 -24.88 -11.47
C GLY A 315 17.44 -24.17 -12.52
N LEU A 316 17.83 -22.93 -12.23
CA LEU A 316 18.57 -22.09 -13.18
C LEU A 316 20.03 -21.94 -12.79
N ASP A 317 20.47 -22.82 -11.89
CA ASP A 317 21.79 -22.74 -11.24
C ASP A 317 22.98 -22.70 -12.20
N ASP A 318 22.78 -23.15 -13.44
CA ASP A 318 23.81 -23.07 -14.48
C ASP A 318 23.43 -22.13 -15.63
N ALA A 319 22.20 -21.62 -15.63
CA ALA A 319 21.68 -20.85 -16.76
C ALA A 319 21.72 -19.32 -16.60
N VAL A 320 22.19 -18.84 -15.45
CA VAL A 320 22.26 -17.40 -15.17
C VAL A 320 23.69 -16.87 -15.26
N ASP A 321 23.90 -15.88 -16.14
CA ASP A 321 25.22 -15.30 -16.35
C ASP A 321 25.50 -14.18 -15.36
N PHE A 322 25.76 -14.56 -14.11
CA PHE A 322 26.09 -13.61 -13.05
C PHE A 322 27.04 -14.25 -12.06
N ASP A 323 28.11 -13.52 -11.71
CA ASP A 323 29.05 -13.96 -10.69
C ASP A 323 28.57 -13.50 -9.31
N PHE A 324 28.00 -14.44 -8.56
CA PHE A 324 27.46 -14.13 -7.23
C PHE A 324 28.58 -13.87 -6.22
N PRO A 325 28.51 -12.72 -5.51
CA PRO A 325 29.54 -12.38 -4.51
C PRO A 325 29.40 -13.26 -3.28
N GLU A 326 30.49 -13.38 -2.52
CA GLU A 326 30.52 -14.17 -1.30
C GLU A 326 29.46 -13.69 -0.30
N ARG A 327 28.94 -14.61 0.49
CA ARG A 327 27.96 -14.26 1.53
C ARG A 327 28.66 -13.44 2.64
N PRO A 328 28.15 -12.21 2.89
CA PRO A 328 28.70 -11.33 3.91
C PRO A 328 28.61 -11.96 5.31
N ASP A 329 29.58 -11.63 6.17
CA ASP A 329 29.58 -12.09 7.58
C ASP A 329 28.28 -11.75 8.30
N TRP A 330 27.82 -10.51 8.11
CA TRP A 330 26.57 -10.05 8.72
C TRP A 330 25.36 -10.76 8.13
N GLY B 24 -0.14 23.81 12.59
CA GLY B 24 -0.64 22.50 12.06
C GLY B 24 -1.98 22.08 12.64
N SER B 25 -2.83 21.47 11.81
CA SER B 25 -4.15 20.99 12.24
C SER B 25 -4.10 20.17 13.52
N ALA B 26 -4.85 20.59 14.54
CA ALA B 26 -4.94 19.85 15.81
C ALA B 26 -5.63 18.49 15.65
N THR B 27 -6.58 18.41 14.73
CA THR B 27 -7.25 17.14 14.38
C THR B 27 -6.25 16.16 13.78
N LEU B 28 -5.59 16.58 12.71
CA LEU B 28 -4.53 15.77 12.10
C LEU B 28 -3.51 15.29 13.16
N GLY B 29 -3.01 16.21 13.98
CA GLY B 29 -2.10 15.88 15.08
C GLY B 29 -2.59 14.78 16.01
N ARG B 30 -3.82 14.91 16.50
CA ARG B 30 -4.41 13.92 17.41
C ARG B 30 -4.58 12.55 16.74
N LEU B 31 -5.05 12.56 15.49
CA LEU B 31 -5.28 11.32 14.74
C LEU B 31 -3.98 10.58 14.44
N VAL B 32 -2.91 11.33 14.20
CA VAL B 32 -1.59 10.74 13.92
C VAL B 32 -1.02 10.04 15.17
N ARG B 33 -1.14 10.70 16.32
CA ARG B 33 -0.61 10.17 17.58
C ARG B 33 -1.46 9.03 18.13
N ALA B 34 -2.75 9.00 17.78
CA ALA B 34 -3.67 7.92 18.21
C ALA B 34 -3.64 6.70 17.29
N TRP B 35 -3.07 6.83 16.10
CA TRP B 35 -3.08 5.74 15.11
C TRP B 35 -2.65 4.34 15.63
N PRO B 36 -1.51 4.25 16.37
CA PRO B 36 -1.13 2.95 16.96
C PRO B 36 -2.18 2.29 17.86
N ARG B 37 -2.99 3.09 18.56
CA ARG B 37 -4.04 2.58 19.42
C ARG B 37 -5.33 2.26 18.65
N ARG B 38 -5.51 2.91 17.51
CA ARG B 38 -6.76 2.84 16.79
C ARG B 38 -6.77 1.80 15.66
N ALA B 39 -5.65 1.73 14.95
CA ALA B 39 -5.53 1.00 13.70
C ALA B 39 -5.89 -0.48 13.80
N ALA B 40 -6.72 -0.94 12.87
CA ALA B 40 -7.09 -2.35 12.76
C ALA B 40 -5.85 -3.21 12.57
N VAL B 41 -4.92 -2.74 11.75
CA VAL B 41 -3.69 -3.48 11.45
C VAL B 41 -2.89 -3.83 12.72
N VAL B 42 -2.87 -2.90 13.68
CA VAL B 42 -2.17 -3.12 14.95
C VAL B 42 -2.99 -4.01 15.87
N ASN B 43 -4.30 -3.79 15.87
CA ASN B 43 -5.20 -4.40 16.85
C ASN B 43 -5.64 -5.82 16.55
N LYS B 44 -5.72 -6.14 15.27
CA LYS B 44 -6.25 -7.44 14.89
C LYS B 44 -5.54 -7.99 13.66
N ALA B 45 -4.21 -7.92 13.67
CA ALA B 45 -3.41 -8.45 12.56
C ALA B 45 -3.67 -9.94 12.35
N ASP B 46 -3.98 -10.66 13.44
CA ASP B 46 -4.28 -12.09 13.36
C ASP B 46 -5.76 -12.42 13.03
N ILE B 47 -6.41 -11.53 12.27
CA ILE B 47 -7.82 -11.71 11.86
C ILE B 47 -8.06 -13.07 11.20
N LEU B 48 -7.05 -13.60 10.51
CA LEU B 48 -7.18 -14.92 9.88
C LEU B 48 -7.62 -16.02 10.88
N ASP B 49 -7.09 -15.95 12.11
CA ASP B 49 -7.39 -16.96 13.12
C ASP B 49 -8.80 -16.89 13.71
N GLU B 50 -9.56 -15.87 13.32
CA GLU B 50 -10.92 -15.68 13.84
C GLU B 50 -11.91 -16.72 13.31
N TRP B 51 -11.49 -17.43 12.26
CA TRP B 51 -12.27 -18.55 11.71
C TRP B 51 -12.11 -19.85 12.50
N ALA B 52 -11.27 -19.83 13.54
CA ALA B 52 -10.95 -21.03 14.34
C ALA B 52 -12.12 -22.00 14.61
N ASP B 53 -12.95 -21.70 15.62
CA ASP B 53 -14.02 -22.63 16.01
C ASP B 53 -15.28 -22.33 15.22
N TYR B 54 -15.17 -22.47 13.90
CA TYR B 54 -16.18 -22.01 12.93
C TYR B 54 -17.51 -22.75 13.07
N ASP B 55 -18.60 -21.98 13.14
CA ASP B 55 -19.98 -22.53 13.24
C ASP B 55 -20.75 -22.24 11.97
N THR B 56 -20.94 -23.29 11.17
CA THR B 56 -21.62 -23.20 9.88
C THR B 56 -23.10 -22.76 9.98
N LEU B 57 -23.72 -22.94 11.14
CA LEU B 57 -25.13 -22.58 11.35
C LEU B 57 -25.43 -21.06 11.37
N VAL B 58 -24.41 -20.25 11.63
CA VAL B 58 -24.56 -18.80 11.71
C VAL B 58 -24.51 -18.18 10.29
N PRO B 59 -25.52 -17.37 9.93
CA PRO B 59 -25.59 -16.75 8.59
C PRO B 59 -24.40 -15.82 8.30
N ASP B 60 -24.12 -15.61 7.02
CA ASP B 60 -23.01 -14.74 6.58
C ASP B 60 -23.39 -13.26 6.55
N TYR B 61 -24.70 -12.98 6.47
CA TYR B 61 -25.21 -11.66 6.11
C TYR B 61 -26.60 -11.55 6.73
N PRO B 62 -27.01 -10.33 7.13
CA PRO B 62 -28.33 -10.23 7.79
C PRO B 62 -29.47 -10.03 6.81
N LEU B 63 -30.35 -11.02 6.74
CA LEU B 63 -31.63 -10.88 6.05
C LEU B 63 -32.27 -9.49 6.25
N GLU B 64 -32.19 -8.97 7.47
CA GLU B 64 -32.85 -7.71 7.85
C GLU B 64 -32.49 -6.54 6.93
N ILE B 65 -31.29 -6.58 6.35
CA ILE B 65 -30.80 -5.48 5.53
C ILE B 65 -30.78 -5.81 4.03
N VAL B 66 -31.39 -6.94 3.67
CA VAL B 66 -31.51 -7.38 2.27
C VAL B 66 -32.79 -6.77 1.71
N PRO B 67 -32.67 -5.93 0.67
CA PRO B 67 -33.80 -5.12 0.16
C PRO B 67 -34.98 -5.92 -0.41
N PHE B 68 -34.75 -7.17 -0.78
CA PHE B 68 -35.79 -8.02 -1.35
C PHE B 68 -36.14 -9.20 -0.45
N ALA B 69 -35.70 -9.13 0.81
CA ALA B 69 -35.91 -10.20 1.80
C ALA B 69 -37.36 -10.60 1.95
N GLU B 70 -38.26 -9.63 1.81
CA GLU B 70 -39.67 -9.88 1.99
C GLU B 70 -40.43 -9.96 0.65
N HIS B 71 -39.70 -10.07 -0.46
CA HIS B 71 -40.36 -10.23 -1.77
C HIS B 71 -40.93 -11.64 -1.91
N PRO B 72 -42.20 -11.77 -2.33
CA PRO B 72 -42.84 -13.07 -2.51
C PRO B 72 -42.00 -14.09 -3.31
N LEU B 73 -41.32 -13.63 -4.35
CA LEU B 73 -40.51 -14.52 -5.19
C LEU B 73 -39.23 -14.95 -4.50
N PHE B 74 -38.74 -14.13 -3.57
CA PHE B 74 -37.61 -14.52 -2.74
C PHE B 74 -38.05 -15.53 -1.69
N LEU B 75 -39.16 -15.23 -1.04
CA LEU B 75 -39.75 -16.09 -0.01
C LEU B 75 -40.23 -17.44 -0.57
N ALA B 76 -40.58 -17.49 -1.85
CA ALA B 76 -41.05 -18.72 -2.51
C ALA B 76 -39.91 -19.64 -2.96
N ALA B 77 -38.67 -19.27 -2.66
CA ALA B 77 -37.49 -20.11 -2.97
C ALA B 77 -37.14 -21.02 -1.80
N GLU B 78 -36.41 -22.10 -2.07
CA GLU B 78 -36.02 -23.06 -1.03
C GLU B 78 -35.04 -22.47 0.00
N PRO B 79 -35.05 -22.99 1.25
CA PRO B 79 -34.15 -22.55 2.34
C PRO B 79 -32.66 -22.42 1.98
N HIS B 80 -32.14 -23.38 1.21
CA HIS B 80 -30.75 -23.36 0.75
C HIS B 80 -30.51 -22.25 -0.26
N GLN B 81 -31.50 -22.02 -1.13
CA GLN B 81 -31.43 -20.94 -2.13
C GLN B 81 -31.32 -19.55 -1.48
N ARG B 82 -32.12 -19.31 -0.44
CA ARG B 82 -32.10 -18.01 0.24
C ARG B 82 -30.81 -17.81 1.03
N GLN B 83 -30.31 -18.89 1.65
CA GLN B 83 -29.04 -18.82 2.37
C GLN B 83 -27.86 -18.63 1.42
N ARG B 84 -27.98 -19.11 0.17
CA ARG B 84 -26.92 -18.90 -0.82
C ARG B 84 -26.82 -17.45 -1.34
N VAL B 85 -27.98 -16.80 -1.46
CA VAL B 85 -28.06 -15.37 -1.74
C VAL B 85 -27.35 -14.55 -0.65
N LEU B 86 -27.66 -14.82 0.62
CA LEU B 86 -27.00 -14.14 1.74
C LEU B 86 -25.48 -14.29 1.68
N THR B 87 -25.02 -15.50 1.43
CA THR B 87 -23.59 -15.74 1.22
C THR B 87 -23.03 -14.91 0.06
N GLY B 88 -23.73 -14.91 -1.07
CA GLY B 88 -23.32 -14.14 -2.25
C GLY B 88 -23.25 -12.64 -2.00
N MET B 89 -24.24 -12.13 -1.28
CA MET B 89 -24.25 -10.71 -0.98
C MET B 89 -23.11 -10.31 -0.06
N TRP B 90 -22.75 -11.20 0.87
CA TRP B 90 -21.61 -10.93 1.74
C TRP B 90 -20.35 -10.92 0.91
N ILE B 91 -20.18 -11.90 0.03
CA ILE B 91 -18.98 -11.96 -0.82
C ILE B 91 -18.94 -10.77 -1.78
N GLY B 92 -20.10 -10.44 -2.36
CA GLY B 92 -20.24 -9.27 -3.24
C GLY B 92 -19.89 -7.96 -2.55
N TYR B 93 -20.33 -7.79 -1.29
CA TYR B 93 -19.97 -6.64 -0.49
C TYR B 93 -18.44 -6.50 -0.40
N ASN B 94 -17.78 -7.60 -0.02
CA ASN B 94 -16.33 -7.59 0.11
C ASN B 94 -15.61 -7.28 -1.20
N GLU B 95 -16.09 -7.86 -2.30
CA GLU B 95 -15.51 -7.58 -3.63
C GLU B 95 -15.55 -6.10 -3.96
N ARG B 96 -16.67 -5.45 -3.64
CA ARG B 96 -16.83 -4.02 -3.95
C ARG B 96 -15.95 -3.14 -3.06
N VAL B 97 -15.78 -3.56 -1.80
CA VAL B 97 -14.90 -2.83 -0.86
C VAL B 97 -13.47 -2.80 -1.39
N ILE B 98 -12.95 -3.98 -1.77
CA ILE B 98 -11.60 -4.13 -2.34
C ILE B 98 -11.44 -3.27 -3.61
N ALA B 99 -12.38 -3.40 -4.54
CA ALA B 99 -12.38 -2.58 -5.77
C ALA B 99 -12.39 -1.08 -5.49
N THR B 100 -13.20 -0.64 -4.53
CA THR B 100 -13.23 0.79 -4.15
C THR B 100 -11.88 1.25 -3.60
N GLU B 101 -11.27 0.43 -2.73
CA GLU B 101 -9.97 0.77 -2.18
C GLU B 101 -8.88 0.81 -3.23
N GLN B 102 -8.81 -0.22 -4.08
CA GLN B 102 -7.78 -0.32 -5.12
C GLN B 102 -7.92 0.73 -6.23
N LEU B 103 -9.15 0.98 -6.67
CA LEU B 103 -9.38 1.78 -7.85
C LEU B 103 -9.71 3.23 -7.54
N ILE B 104 -10.12 3.51 -6.30
CA ILE B 104 -10.65 4.82 -5.95
C ILE B 104 -9.94 5.51 -4.77
N ALA B 105 -9.91 4.87 -3.60
CA ALA B 105 -9.33 5.49 -2.40
C ALA B 105 -7.79 5.58 -2.43
N GLU B 106 -7.11 4.45 -2.63
CA GLU B 106 -5.63 4.43 -2.69
C GLU B 106 -5.02 5.36 -3.75
N PRO B 107 -5.58 5.39 -4.99
CA PRO B 107 -5.05 6.35 -5.96
C PRO B 107 -5.06 7.80 -5.48
N ALA B 108 -6.12 8.23 -4.80
CA ALA B 108 -6.22 9.58 -4.26
C ALA B 108 -5.14 9.86 -3.21
N PHE B 109 -5.02 8.94 -2.26
CA PHE B 109 -3.98 9.03 -1.24
C PHE B 109 -2.58 9.02 -1.86
N ASP B 110 -2.33 8.14 -2.83
CA ASP B 110 -1.00 8.10 -3.50
C ASP B 110 -0.71 9.44 -4.17
N LEU B 111 -1.72 10.02 -4.81
CA LEU B 111 -1.56 11.32 -5.47
C LEU B 111 -1.06 12.40 -4.53
N VAL B 112 -1.63 12.42 -3.32
CA VAL B 112 -1.19 13.31 -2.25
C VAL B 112 0.28 13.06 -1.86
N MET B 113 0.63 11.78 -1.67
CA MET B 113 2.01 11.42 -1.30
C MET B 113 3.02 11.69 -2.40
N HIS B 114 2.60 11.59 -3.67
CA HIS B 114 3.50 11.89 -4.80
C HIS B 114 3.73 13.38 -4.95
N GLY B 115 3.10 14.16 -4.08
CA GLY B 115 3.33 15.60 -3.97
C GLY B 115 2.96 16.42 -5.19
N VAL B 116 2.05 15.89 -6.00
CA VAL B 116 1.65 16.56 -7.24
C VAL B 116 0.91 17.87 -6.97
N PHE B 117 0.25 17.96 -5.81
CA PHE B 117 -0.46 19.18 -5.42
C PHE B 117 0.42 20.06 -4.53
N PRO B 118 0.37 21.38 -4.77
CA PRO B 118 1.09 22.30 -3.90
C PRO B 118 0.59 22.21 -2.46
N GLY B 119 1.54 22.10 -1.52
CA GLY B 119 1.23 22.03 -0.11
C GLY B 119 1.08 20.64 0.47
N SER B 120 1.21 19.62 -0.39
CA SER B 120 1.10 18.23 0.04
C SER B 120 2.43 17.67 0.55
N ASP B 121 3.47 18.52 0.55
CA ASP B 121 4.79 18.13 1.06
C ASP B 121 4.92 18.29 2.57
N ASP B 122 3.84 18.81 3.19
CA ASP B 122 3.75 18.97 4.63
C ASP B 122 3.87 17.65 5.40
N PRO B 123 4.83 17.56 6.35
CA PRO B 123 5.08 16.33 7.13
C PRO B 123 3.87 15.81 7.92
N LEU B 124 3.03 16.70 8.45
CA LEU B 124 1.85 16.26 9.17
C LEU B 124 0.81 15.65 8.21
N ILE B 125 0.67 16.24 7.03
CA ILE B 125 -0.20 15.68 5.99
C ILE B 125 0.32 14.32 5.54
N ARG B 126 1.64 14.27 5.30
CA ARG B 126 2.28 13.04 4.87
C ARG B 126 2.13 11.91 5.88
N LYS B 127 2.28 12.19 7.17
CA LYS B 127 2.09 11.16 8.20
C LYS B 127 0.64 10.64 8.23
N SER B 128 -0.33 11.54 8.22
CA SER B 128 -1.73 11.13 8.36
C SER B 128 -2.19 10.30 7.17
N VAL B 129 -1.76 10.70 5.97
CA VAL B 129 -2.13 10.03 4.72
C VAL B 129 -1.36 8.71 4.54
N GLN B 130 -0.06 8.69 4.88
CA GLN B 130 0.68 7.42 4.82
C GLN B 130 0.13 6.37 5.80
N GLN B 131 -0.28 6.80 7.00
CA GLN B 131 -0.94 5.92 7.96
C GLN B 131 -2.24 5.38 7.35
N ALA B 132 -2.98 6.26 6.67
CA ALA B 132 -4.20 5.82 5.96
C ALA B 132 -3.93 4.78 4.88
N ILE B 133 -2.84 4.97 4.13
CA ILE B 133 -2.40 4.01 3.11
C ILE B 133 -2.05 2.64 3.72
N VAL B 134 -1.34 2.64 4.85
CA VAL B 134 -1.14 1.38 5.60
C VAL B 134 -2.49 0.75 5.93
N ASP B 135 -3.43 1.57 6.40
CA ASP B 135 -4.77 1.07 6.79
C ASP B 135 -5.45 0.43 5.59
N GLU B 136 -5.44 1.09 4.44
CA GLU B 136 -6.15 0.57 3.27
C GLU B 136 -5.57 -0.75 2.80
N SER B 137 -4.24 -0.88 2.84
CA SER B 137 -3.61 -2.16 2.45
C SER B 137 -4.06 -3.30 3.38
N PHE B 138 -4.22 -2.99 4.66
CA PHE B 138 -4.73 -3.98 5.62
C PHE B 138 -6.23 -4.21 5.44
N HIS B 139 -6.99 -3.19 5.08
CA HIS B 139 -8.42 -3.41 4.80
C HIS B 139 -8.60 -4.37 3.62
N THR B 140 -7.80 -4.18 2.57
CA THR B 140 -7.81 -5.05 1.40
C THR B 140 -7.52 -6.50 1.83
N TYR B 141 -6.48 -6.65 2.66
CA TYR B 141 -6.13 -7.94 3.25
C TYR B 141 -7.32 -8.59 4.00
N MET B 142 -7.92 -7.87 4.93
CA MET B 142 -9.04 -8.39 5.70
C MET B 142 -10.15 -8.86 4.79
N HIS B 143 -10.51 -8.02 3.82
CA HIS B 143 -11.65 -8.32 2.97
C HIS B 143 -11.36 -9.44 1.99
N MET B 144 -10.13 -9.48 1.48
CA MET B 144 -9.71 -10.58 0.63
C MET B 144 -9.82 -11.90 1.36
N LEU B 145 -9.36 -11.94 2.61
CA LEU B 145 -9.44 -13.21 3.32
C LEU B 145 -10.87 -13.59 3.75
N ALA B 146 -11.74 -12.60 3.95
CA ALA B 146 -13.15 -12.90 4.24
C ALA B 146 -13.76 -13.65 3.06
N ILE B 147 -13.44 -13.18 1.84
CA ILE B 147 -13.89 -13.84 0.62
C ILE B 147 -13.34 -15.26 0.54
N ASP B 148 -12.04 -15.43 0.73
CA ASP B 148 -11.41 -16.73 0.62
C ASP B 148 -11.93 -17.73 1.65
N ARG B 149 -12.05 -17.29 2.90
CA ARG B 149 -12.53 -18.16 3.96
C ARG B 149 -14.00 -18.50 3.78
N THR B 150 -14.81 -17.56 3.30
CA THR B 150 -16.23 -17.85 3.01
C THR B 150 -16.39 -18.84 1.85
N ARG B 151 -15.66 -18.60 0.75
CA ARG B 151 -15.74 -19.47 -0.43
C ARG B 151 -15.33 -20.92 -0.13
N GLU B 152 -14.31 -21.07 0.71
CA GLU B 152 -13.87 -22.38 1.17
C GLU B 152 -14.92 -23.06 2.04
N LEU B 153 -15.34 -22.37 3.11
CA LEU B 153 -16.21 -22.97 4.11
C LEU B 153 -17.65 -23.21 3.61
N ARG B 154 -18.12 -22.36 2.71
CA ARG B 154 -19.46 -22.49 2.12
C ARG B 154 -19.43 -23.30 0.82
N LYS B 155 -18.24 -23.72 0.42
CA LYS B 155 -18.03 -24.55 -0.78
C LYS B 155 -18.52 -23.93 -2.10
N ILE B 156 -18.20 -22.66 -2.33
CA ILE B 156 -18.51 -22.03 -3.61
C ILE B 156 -17.30 -22.10 -4.53
N SER B 157 -17.40 -22.91 -5.56
CA SER B 157 -16.25 -23.23 -6.42
C SER B 157 -16.12 -22.27 -7.60
N GLU B 158 -17.23 -21.65 -7.99
CA GLU B 158 -17.25 -20.71 -9.11
C GLU B 158 -18.21 -19.56 -8.88
N ARG B 159 -17.75 -18.36 -9.25
CA ARG B 159 -18.56 -17.17 -9.11
C ARG B 159 -18.37 -16.29 -10.35
N PRO B 160 -19.49 -15.79 -10.93
CA PRO B 160 -19.44 -15.10 -12.22
C PRO B 160 -18.68 -13.78 -12.16
N PRO B 161 -18.18 -13.29 -13.31
CA PRO B 161 -17.51 -11.99 -13.27
C PRO B 161 -18.46 -10.92 -12.75
N GLN B 162 -17.93 -10.03 -11.93
CA GLN B 162 -18.74 -9.00 -11.30
C GLN B 162 -18.83 -7.77 -12.18
N PRO B 163 -19.95 -7.00 -12.04
CA PRO B 163 -20.04 -5.79 -12.84
C PRO B 163 -19.06 -4.74 -12.34
N GLU B 164 -18.61 -3.88 -13.25
CA GLU B 164 -17.72 -2.78 -12.92
C GLU B 164 -18.45 -1.85 -11.97
N LEU B 165 -17.79 -1.46 -10.87
CA LEU B 165 -18.36 -0.53 -9.89
C LEU B 165 -19.05 0.62 -10.59
N VAL B 166 -20.25 0.97 -10.11
CA VAL B 166 -20.96 2.13 -10.64
C VAL B 166 -20.13 3.40 -10.44
N THR B 167 -19.57 3.56 -9.23
CA THR B 167 -18.73 4.69 -8.87
C THR B 167 -17.51 4.81 -9.78
N TYR B 168 -16.92 3.66 -10.12
CA TYR B 168 -15.74 3.65 -10.98
C TYR B 168 -16.07 3.91 -12.44
N ARG B 169 -17.21 3.38 -12.91
CA ARG B 169 -17.71 3.63 -14.27
C ARG B 169 -17.93 5.13 -14.50
N ARG B 170 -18.46 5.80 -13.49
CA ARG B 170 -18.71 7.24 -13.55
C ARG B 170 -17.40 8.02 -13.53
N LEU B 171 -16.40 7.47 -12.84
CA LEU B 171 -15.06 8.04 -12.78
C LEU B 171 -14.42 8.06 -14.17
N ARG B 172 -14.38 6.89 -14.81
CA ARG B 172 -13.88 6.76 -16.19
C ARG B 172 -14.53 7.78 -17.11
N ARG B 173 -15.84 7.95 -16.99
CA ARG B 173 -16.61 8.90 -17.80
C ARG B 173 -16.10 10.33 -17.69
N VAL B 174 -15.99 10.82 -16.46
CA VAL B 174 -15.45 12.14 -16.16
C VAL B 174 -14.02 12.29 -16.67
N LEU B 175 -13.19 11.25 -16.50
CA LEU B 175 -11.80 11.28 -16.95
C LEU B 175 -11.70 11.29 -18.47
N ALA B 176 -12.70 10.69 -19.12
CA ALA B 176 -12.77 10.69 -20.58
C ALA B 176 -13.10 12.11 -21.09
N ASP B 177 -14.01 12.76 -20.36
CA ASP B 177 -14.43 14.13 -20.65
C ASP B 177 -13.31 15.13 -20.33
N MET B 178 -12.56 14.85 -19.26
CA MET B 178 -11.43 15.68 -18.83
C MET B 178 -10.11 14.93 -18.97
N PRO B 179 -9.55 14.87 -20.20
CA PRO B 179 -8.43 13.96 -20.47
C PRO B 179 -7.00 14.43 -20.09
N GLU B 180 -6.80 15.74 -19.85
CA GLU B 180 -5.45 16.24 -19.58
C GLU B 180 -4.92 15.77 -18.23
N GLN B 181 -3.61 15.58 -18.15
CA GLN B 181 -3.00 15.03 -16.93
C GLN B 181 -3.40 15.82 -15.67
N TRP B 182 -3.29 17.15 -15.73
CA TRP B 182 -3.58 18.00 -14.57
C TRP B 182 -5.06 17.97 -14.18
N GLU B 183 -5.95 17.77 -15.17
CA GLU B 183 -7.38 17.58 -14.87
C GLU B 183 -7.56 16.29 -14.13
N ARG B 184 -6.96 15.24 -14.67
CA ARG B 184 -7.14 13.88 -14.16
C ARG B 184 -6.72 13.71 -12.70
N ASP B 185 -5.71 14.48 -12.25
CA ASP B 185 -5.28 14.47 -10.84
C ASP B 185 -6.36 14.98 -9.89
N ILE B 186 -7.00 16.08 -10.28
CA ILE B 186 -8.06 16.70 -9.49
C ILE B 186 -9.27 15.78 -9.35
N ALA B 187 -9.70 15.16 -10.46
CA ALA B 187 -10.84 14.23 -10.45
C ALA B 187 -10.56 13.03 -9.55
N VAL B 188 -9.37 12.44 -9.68
CA VAL B 188 -8.96 11.31 -8.86
C VAL B 188 -9.02 11.65 -7.36
N LEU B 189 -8.50 12.82 -6.99
CA LEU B 189 -8.49 13.32 -5.61
C LEU B 189 -9.90 13.47 -5.04
N VAL B 190 -10.77 14.13 -5.80
CA VAL B 190 -12.15 14.32 -5.37
C VAL B 190 -12.87 12.97 -5.26
N TRP B 191 -12.70 12.11 -6.27
CA TRP B 191 -13.35 10.80 -6.23
C TRP B 191 -12.96 10.07 -4.95
N GLY B 192 -11.65 10.08 -4.65
CA GLY B 192 -11.12 9.45 -3.45
C GLY B 192 -11.68 10.08 -2.19
N ALA B 193 -11.80 11.40 -2.21
CA ALA B 193 -12.22 12.16 -1.03
C ALA B 193 -13.67 11.86 -0.67
N VAL B 194 -14.52 11.78 -1.69
CA VAL B 194 -15.93 11.49 -1.49
C VAL B 194 -16.09 10.06 -0.97
N ALA B 195 -15.38 9.12 -1.57
CA ALA B 195 -15.41 7.73 -1.14
C ALA B 195 -15.09 7.59 0.36
N GLU B 196 -14.11 8.38 0.83
CA GLU B 196 -13.60 8.24 2.20
C GLU B 196 -14.42 9.01 3.25
N THR B 197 -15.27 9.93 2.78
CA THR B 197 -16.13 10.75 3.67
C THR B 197 -17.61 10.37 3.66
N CYS B 198 -17.99 9.48 2.74
CA CYS B 198 -19.37 8.98 2.63
C CYS B 198 -19.40 7.51 2.98
N ILE B 199 -19.87 7.20 4.20
CA ILE B 199 -19.79 5.85 4.76
C ILE B 199 -20.93 4.94 4.28
N ASN B 200 -20.55 3.86 3.60
CA ASN B 200 -21.47 2.80 3.16
C ASN B 200 -22.41 2.40 4.27
N ALA B 201 -23.71 2.42 4.02
CA ALA B 201 -24.68 1.93 4.98
C ALA B 201 -24.33 0.49 5.42
N LEU B 202 -23.95 -0.34 4.46
CA LEU B 202 -23.64 -1.74 4.74
C LEU B 202 -22.48 -1.90 5.70
N LEU B 203 -21.46 -1.07 5.56
CA LEU B 203 -20.35 -1.05 6.51
C LEU B 203 -20.87 -0.91 7.95
N ALA B 204 -21.69 0.11 8.19
CA ALA B 204 -22.19 0.39 9.53
C ALA B 204 -23.21 -0.63 10.03
N LEU B 205 -24.08 -1.10 9.16
CA LEU B 205 -25.09 -2.09 9.55
C LEU B 205 -24.50 -3.50 9.77
N LEU B 206 -23.47 -3.86 9.02
CA LEU B 206 -22.80 -5.14 9.29
C LEU B 206 -22.00 -5.11 10.58
N ALA B 207 -21.36 -3.96 10.87
CA ALA B 207 -20.49 -3.83 12.05
C ALA B 207 -21.21 -4.10 13.36
N ARG B 208 -22.49 -3.70 13.41
CA ARG B 208 -23.28 -3.80 14.62
C ARG B 208 -24.12 -5.06 14.70
N ASP B 209 -24.07 -5.91 13.67
CA ASP B 209 -24.99 -7.04 13.63
C ASP B 209 -24.56 -8.23 14.50
N ALA B 210 -25.42 -8.59 15.43
CA ALA B 210 -25.08 -9.64 16.38
C ALA B 210 -25.58 -11.05 15.97
N THR B 211 -26.21 -11.15 14.80
CA THR B 211 -26.79 -12.41 14.31
C THR B 211 -25.89 -13.13 13.29
N ILE B 212 -24.98 -12.39 12.67
CA ILE B 212 -24.13 -12.96 11.59
C ILE B 212 -22.78 -13.46 12.13
N GLN B 213 -22.04 -14.19 11.29
CA GLN B 213 -20.69 -14.64 11.65
C GLN B 213 -19.94 -13.52 12.38
N PRO B 214 -19.46 -13.79 13.60
CA PRO B 214 -18.73 -12.81 14.42
C PRO B 214 -17.55 -12.16 13.71
N MET B 215 -16.90 -12.88 12.81
CA MET B 215 -15.75 -12.30 12.14
C MET B 215 -16.18 -11.36 11.00
N HIS B 216 -17.44 -11.49 10.55
CA HIS B 216 -18.00 -10.57 9.53
C HIS B 216 -18.33 -9.20 10.17
N SER B 217 -18.98 -9.22 11.34
CA SER B 217 -19.20 -8.02 12.12
C SER B 217 -17.89 -7.44 12.68
N LEU B 218 -16.92 -8.31 12.94
CA LEU B 218 -15.61 -7.84 13.42
C LEU B 218 -14.86 -7.09 12.34
N ILE B 219 -14.70 -7.69 11.15
CA ILE B 219 -14.00 -7.03 10.05
C ILE B 219 -14.60 -5.68 9.75
N THR B 220 -15.94 -5.60 9.74
CA THR B 220 -16.60 -4.33 9.41
C THR B 220 -16.54 -3.32 10.56
N THR B 221 -16.55 -3.81 11.80
CA THR B 221 -16.31 -2.97 12.98
C THR B 221 -14.92 -2.32 12.93
N LEU B 222 -13.91 -3.16 12.62
CA LEU B 222 -12.51 -2.72 12.49
C LEU B 222 -12.35 -1.68 11.37
N HIS B 223 -12.96 -1.98 10.22
CA HIS B 223 -12.85 -1.10 9.05
C HIS B 223 -13.53 0.24 9.33
N LEU B 224 -14.73 0.20 9.92
CA LEU B 224 -15.46 1.41 10.29
C LEU B 224 -14.68 2.30 11.28
N ARG B 225 -14.05 1.69 12.29
CA ARG B 225 -13.24 2.44 13.23
C ARG B 225 -12.16 3.22 12.47
N ASP B 226 -11.48 2.57 11.54
CA ASP B 226 -10.46 3.22 10.72
C ASP B 226 -11.07 4.29 9.84
N GLU B 227 -12.18 3.97 9.19
CA GLU B 227 -12.81 4.87 8.21
C GLU B 227 -13.32 6.16 8.84
N THR B 228 -13.78 6.09 10.09
CA THR B 228 -14.20 7.28 10.83
C THR B 228 -13.03 8.27 10.94
N ALA B 229 -11.84 7.75 11.26
CA ALA B 229 -10.61 8.56 11.26
C ALA B 229 -10.25 9.10 9.88
N HIS B 230 -10.30 8.25 8.85
CA HIS B 230 -9.99 8.64 7.48
C HIS B 230 -10.85 9.81 6.98
N GLY B 231 -12.14 9.76 7.29
CA GLY B 231 -13.05 10.86 6.98
C GLY B 231 -12.55 12.17 7.59
N SER B 232 -12.18 12.13 8.86
CA SER B 232 -11.62 13.32 9.52
C SER B 232 -10.33 13.79 8.85
N ILE B 233 -9.43 12.85 8.56
CA ILE B 233 -8.20 13.13 7.82
C ILE B 233 -8.45 13.83 6.49
N VAL B 234 -9.33 13.27 5.67
CA VAL B 234 -9.61 13.80 4.34
C VAL B 234 -10.15 15.23 4.37
N VAL B 235 -11.08 15.52 5.29
CA VAL B 235 -11.62 16.88 5.39
C VAL B 235 -10.48 17.89 5.66
N GLU B 236 -9.55 17.53 6.55
CA GLU B 236 -8.44 18.41 6.91
C GLU B 236 -7.50 18.60 5.72
N VAL B 237 -7.12 17.50 5.08
CA VAL B 237 -6.17 17.52 3.97
C VAL B 237 -6.71 18.31 2.78
N VAL B 238 -7.91 17.95 2.32
CA VAL B 238 -8.50 18.57 1.14
C VAL B 238 -8.64 20.09 1.32
N ARG B 239 -9.06 20.51 2.51
CA ARG B 239 -9.07 21.93 2.83
C ARG B 239 -7.71 22.58 2.59
N GLU B 240 -6.66 21.97 3.13
CA GLU B 240 -5.30 22.51 3.02
C GLU B 240 -4.83 22.54 1.57
N LEU B 241 -5.13 21.48 0.82
CA LEU B 241 -4.78 21.41 -0.59
C LEU B 241 -5.61 22.38 -1.43
N TYR B 242 -6.85 22.61 -1.00
CA TYR B 242 -7.75 23.58 -1.65
C TYR B 242 -7.18 24.99 -1.65
N ALA B 243 -6.56 25.37 -0.53
CA ALA B 243 -5.99 26.72 -0.36
C ALA B 243 -4.87 27.05 -1.35
N ARG B 244 -4.18 26.01 -1.81
CA ARG B 244 -2.95 26.17 -2.59
C ARG B 244 -3.14 26.02 -4.10
N MET B 245 -4.36 25.63 -4.54
CA MET B 245 -4.62 25.44 -5.96
C MET B 245 -4.81 26.76 -6.70
N ASN B 246 -4.46 26.78 -8.01
CA ASN B 246 -4.71 27.99 -8.83
C ASN B 246 -6.17 28.03 -9.30
N GLU B 247 -6.59 29.21 -9.82
CA GLU B 247 -7.99 29.43 -10.27
C GLU B 247 -8.57 28.24 -11.01
N GLN B 248 -7.84 27.76 -12.02
CA GLN B 248 -8.31 26.68 -12.89
C GLN B 248 -8.32 25.28 -12.27
N GLN B 249 -7.56 25.10 -11.19
CA GLN B 249 -7.60 23.83 -10.42
C GLN B 249 -8.82 23.82 -9.50
N ARG B 250 -8.98 24.88 -8.70
CA ARG B 250 -10.19 25.12 -7.90
C ARG B 250 -11.46 24.94 -8.74
N ARG B 251 -11.47 25.55 -9.94
CA ARG B 251 -12.60 25.42 -10.87
C ARG B 251 -13.02 23.98 -11.08
N ALA B 252 -12.04 23.13 -11.44
CA ALA B 252 -12.29 21.72 -11.73
C ALA B 252 -12.74 20.94 -10.50
N LEU B 253 -12.21 21.31 -9.34
CA LEU B 253 -12.55 20.64 -8.09
C LEU B 253 -14.01 20.93 -7.71
N VAL B 254 -14.40 22.20 -7.80
CA VAL B 254 -15.76 22.62 -7.45
C VAL B 254 -16.79 22.00 -8.38
N ARG B 255 -16.49 21.96 -9.68
CA ARG B 255 -17.38 21.34 -10.66
C ARG B 255 -17.36 19.83 -10.51
N CYS B 256 -16.28 19.31 -9.93
CA CYS B 256 -16.10 17.88 -9.79
C CYS B 256 -16.87 17.29 -8.61
N LEU B 257 -17.00 18.07 -7.52
CA LEU B 257 -17.62 17.57 -6.29
C LEU B 257 -19.01 16.96 -6.48
N PRO B 258 -19.96 17.72 -7.10
CA PRO B 258 -21.32 17.15 -7.20
C PRO B 258 -21.42 15.88 -8.04
N ILE B 259 -20.53 15.74 -9.03
CA ILE B 259 -20.56 14.58 -9.92
C ILE B 259 -20.12 13.33 -9.15
N ALA B 260 -19.04 13.44 -8.38
CA ALA B 260 -18.63 12.35 -7.50
C ALA B 260 -19.73 12.07 -6.45
N LEU B 261 -20.29 13.11 -5.86
CA LEU B 261 -21.33 12.92 -4.83
C LEU B 261 -22.56 12.21 -5.41
N GLU B 262 -22.97 12.61 -6.61
CA GLU B 262 -24.06 11.95 -7.30
C GLU B 262 -23.72 10.48 -7.55
N ALA B 263 -22.47 10.22 -7.97
CA ALA B 263 -21.98 8.86 -8.23
C ALA B 263 -22.07 7.96 -7.01
N PHE B 264 -21.72 8.49 -5.85
CA PHE B 264 -21.77 7.70 -4.62
C PHE B 264 -23.18 7.57 -4.03
N ALA B 265 -24.11 8.34 -4.57
CA ALA B 265 -25.50 8.30 -4.15
C ALA B 265 -26.36 7.45 -5.07
N GLU B 266 -25.93 7.27 -6.32
CA GLU B 266 -26.75 6.54 -7.30
C GLU B 266 -26.76 5.04 -7.01
N GLN B 267 -27.97 4.50 -6.85
CA GLN B 267 -28.14 3.12 -6.41
C GLN B 267 -28.33 2.23 -7.62
N ASP B 268 -27.34 1.36 -7.85
CA ASP B 268 -27.31 0.47 -9.01
C ASP B 268 -27.63 -0.97 -8.59
N LEU B 269 -28.63 -1.54 -9.25
CA LEU B 269 -29.22 -2.83 -8.86
C LEU B 269 -28.63 -4.07 -9.57
N SER B 270 -27.67 -3.85 -10.47
CA SER B 270 -27.09 -4.92 -11.29
C SER B 270 -26.46 -6.06 -10.48
N ALA B 271 -25.81 -5.74 -9.38
CA ALA B 271 -25.23 -6.77 -8.53
C ALA B 271 -26.26 -7.59 -7.71
N LEU B 272 -27.45 -7.04 -7.50
CA LEU B 272 -28.51 -7.80 -6.86
C LEU B 272 -29.00 -8.87 -7.82
N LEU B 273 -29.26 -8.47 -9.07
CA LEU B 273 -29.76 -9.36 -10.11
C LEU B 273 -28.80 -10.52 -10.37
N LEU B 274 -27.54 -10.32 -10.02
CA LEU B 274 -26.53 -11.34 -10.23
C LEU B 274 -26.50 -12.36 -9.09
N GLU B 275 -26.68 -11.90 -7.85
CA GLU B 275 -26.74 -12.81 -6.71
C GLU B 275 -27.96 -13.75 -6.79
N LEU B 276 -29.09 -13.21 -7.24
CA LEU B 276 -30.35 -13.97 -7.39
C LEU B 276 -30.24 -15.02 -8.50
N ASN B 277 -29.41 -14.75 -9.50
CA ASN B 277 -29.08 -15.75 -10.52
C ASN B 277 -28.05 -16.76 -10.03
N ALA B 278 -26.96 -16.28 -9.42
CA ALA B 278 -25.96 -17.17 -8.84
C ALA B 278 -26.57 -18.17 -7.85
N ALA B 279 -27.80 -17.89 -7.41
CA ALA B 279 -28.47 -18.75 -6.43
C ALA B 279 -29.62 -19.57 -7.00
N GLY B 280 -30.06 -19.23 -8.22
CA GLY B 280 -31.09 -19.99 -8.92
C GLY B 280 -32.53 -19.55 -8.66
N ILE B 281 -32.71 -18.32 -8.18
CA ILE B 281 -34.04 -17.82 -7.82
C ILE B 281 -34.86 -17.37 -9.04
N ARG B 282 -36.02 -18.00 -9.27
CA ARG B 282 -36.87 -17.68 -10.43
C ARG B 282 -37.58 -16.34 -10.29
N GLY B 283 -37.67 -15.59 -11.39
CA GLY B 283 -38.23 -14.24 -11.39
C GLY B 283 -37.30 -13.16 -10.84
N ALA B 284 -35.99 -13.37 -10.99
CA ALA B 284 -34.98 -12.40 -10.53
C ALA B 284 -35.17 -11.01 -11.12
N GLU B 285 -35.55 -10.96 -12.39
CA GLU B 285 -35.85 -9.71 -13.11
C GLU B 285 -37.04 -8.95 -12.53
N GLU B 286 -38.12 -9.65 -12.22
CA GLU B 286 -39.29 -9.06 -11.57
C GLU B 286 -38.92 -8.49 -10.19
N ILE B 287 -38.18 -9.26 -9.40
CA ILE B 287 -37.71 -8.81 -8.09
C ILE B 287 -37.02 -7.45 -8.22
N VAL B 288 -35.97 -7.40 -9.06
CA VAL B 288 -35.19 -6.17 -9.25
C VAL B 288 -36.05 -5.04 -9.85
N GLY B 289 -36.97 -5.40 -10.73
CA GLY B 289 -37.93 -4.45 -11.28
C GLY B 289 -38.75 -3.83 -10.17
N ASP B 290 -39.27 -4.70 -9.29
CA ASP B 290 -40.03 -4.27 -8.11
C ASP B 290 -39.22 -3.39 -7.15
N LEU B 291 -37.90 -3.55 -7.15
CA LEU B 291 -37.05 -2.66 -6.37
C LEU B 291 -36.93 -1.31 -7.08
N LEU B 300 -30.72 2.16 2.10
CA LEU B 300 -29.28 1.90 2.20
C LEU B 300 -28.45 3.10 1.74
N VAL B 301 -28.96 4.30 2.03
CA VAL B 301 -28.25 5.53 1.68
C VAL B 301 -27.02 5.76 2.59
N ARG B 302 -25.91 6.15 1.97
CA ARG B 302 -24.65 6.43 2.67
C ARG B 302 -24.84 7.55 3.69
N ASP B 303 -23.97 7.56 4.71
CA ASP B 303 -23.88 8.67 5.61
C ASP B 303 -23.01 9.72 4.92
N PHE B 304 -23.65 10.79 4.44
CA PHE B 304 -22.96 11.89 3.75
C PHE B 304 -22.42 12.98 4.69
N SER B 305 -22.49 12.72 6.00
CA SER B 305 -22.13 13.71 7.02
C SER B 305 -20.73 14.26 6.83
N GLY B 306 -19.78 13.35 6.63
CA GLY B 306 -18.38 13.72 6.43
C GLY B 306 -18.14 14.59 5.22
N ALA B 307 -18.84 14.27 4.13
CA ALA B 307 -18.70 15.01 2.86
C ALA B 307 -19.30 16.41 2.98
N ARG B 308 -20.39 16.53 3.74
CA ARG B 308 -20.99 17.83 4.02
C ARG B 308 -20.00 18.76 4.72
N LYS B 309 -19.28 18.22 5.71
CA LYS B 309 -18.23 18.96 6.42
C LYS B 309 -17.12 19.40 5.49
N MET B 310 -16.71 18.48 4.59
CA MET B 310 -15.67 18.78 3.61
C MET B 310 -16.10 19.97 2.76
N VAL B 311 -17.38 19.97 2.38
CA VAL B 311 -17.98 21.08 1.64
C VAL B 311 -17.95 22.41 2.41
N GLU B 312 -18.28 22.36 3.70
CA GLU B 312 -18.19 23.54 4.59
C GLU B 312 -16.77 24.07 4.66
N GLN B 313 -15.84 23.16 4.97
CA GLN B 313 -14.43 23.45 5.13
C GLN B 313 -13.79 24.10 3.90
N LEU B 314 -14.40 23.86 2.74
CA LEU B 314 -13.92 24.48 1.50
C LEU B 314 -14.67 25.79 1.19
N GLY B 315 -15.66 26.11 2.03
CA GLY B 315 -16.50 27.29 1.81
C GLY B 315 -17.39 27.15 0.59
N LEU B 316 -17.69 25.91 0.23
CA LEU B 316 -18.46 25.62 -0.98
C LEU B 316 -19.91 25.27 -0.66
N ASP B 317 -20.43 25.85 0.43
CA ASP B 317 -21.75 25.52 0.97
C ASP B 317 -22.88 25.87 -0.01
N ASP B 318 -22.78 27.06 -0.60
CA ASP B 318 -23.78 27.54 -1.56
C ASP B 318 -23.46 27.10 -2.98
N ALA B 319 -22.19 26.73 -3.22
CA ALA B 319 -21.69 26.46 -4.57
C ALA B 319 -22.01 25.07 -5.11
N VAL B 320 -22.12 24.08 -4.22
CA VAL B 320 -22.35 22.69 -4.62
C VAL B 320 -23.84 22.37 -4.80
N ASP B 321 -24.24 22.11 -6.04
CA ASP B 321 -25.59 21.65 -6.30
C ASP B 321 -25.67 20.14 -6.07
N PHE B 322 -25.92 19.78 -4.81
CA PHE B 322 -26.17 18.42 -4.41
C PHE B 322 -27.03 18.47 -3.16
N ASP B 323 -28.09 17.67 -3.13
CA ASP B 323 -29.00 17.66 -1.99
C ASP B 323 -28.62 16.55 -1.02
N PHE B 324 -27.91 16.93 0.04
CA PHE B 324 -27.44 15.99 1.05
C PHE B 324 -28.62 15.38 1.81
N PRO B 325 -28.70 14.04 1.85
CA PRO B 325 -29.73 13.36 2.64
C PRO B 325 -29.54 13.61 4.14
N GLU B 326 -30.61 13.41 4.91
CA GLU B 326 -30.51 13.49 6.36
C GLU B 326 -29.57 12.40 6.89
N ARG B 327 -28.87 12.71 7.98
CA ARG B 327 -28.01 11.74 8.65
C ARG B 327 -28.80 10.49 9.05
N PRO B 328 -28.26 9.30 8.76
CA PRO B 328 -28.86 8.06 9.25
C PRO B 328 -28.55 7.89 10.73
N ASP B 329 -29.47 7.26 11.47
CA ASP B 329 -29.33 7.10 12.93
C ASP B 329 -28.00 6.45 13.33
N TRP B 330 -27.63 5.38 12.63
CA TRP B 330 -26.35 4.71 12.86
C TRP B 330 -25.18 5.66 12.59
FE1 FEO C . 10.32 -6.00 1.39
FE2 FEO C . 10.59 -2.89 2.78
O FEO C . 11.00 -4.94 2.80
FE1 FEO D . -10.64 1.20 3.90
FE2 FEO D . -10.34 4.62 4.28
O FEO D . -10.92 2.83 5.19
#